data_8A9G
#
_entry.id   8A9G
#
_cell.length_a   57.350
_cell.length_b   78.070
_cell.length_c   122.570
_cell.angle_alpha   90.000
_cell.angle_beta   90.000
_cell.angle_gamma   90.000
#
_symmetry.space_group_name_H-M   'P 2 21 21'
#
loop_
_entity.id
_entity.type
_entity.pdbx_description
1 polymer '14-3-3 protein zeta/delta'
2 polymer 'Glucocorticoid receptor'
3 non-polymer 2-[BIS-(2-HYDROXY-ETHYL)-AMINO]-2-HYDROXYMETHYL-PROPANE-1,3-DIOL
4 non-polymer '5-[(2~{R})-3-(4-chlorophenyl)carbonyl-2-(4-nitrophenyl)-4-oxidanyl-5-oxidanylidene-2~{H}-pyrrol-1-yl]-2-oxidanyl-benzoic acid'
5 non-polymer 'MAGNESIUM ION'
6 water water
#
loop_
_entity_poly.entity_id
_entity_poly.type
_entity_poly.pdbx_seq_one_letter_code
_entity_poly.pdbx_strand_id
1 'polypeptide(L)'
;GAMGSMDKNELVQKAKLAEQAERYDDMAACMKSVTEQGAELSNEERNLLSVAYKNVVGARRSSWRVVSSIEQKTEGAEKK
QQMAREYREKIETELRDICNDVLSLLEKFLIPNASQAESKVFYLKMKGDYYRYLAEVAAGDDKKGIVDQSQQAYQEAFEI
SKKEMQPTHPIRLGLALNFSVFYYEILNSPEKACSLAKTAFDEAIAELDTLSEESYKDSTLIMQLLRDNLTLWTS
;
A,B
2 'polypeptide(L)' KTIVPA(TPO)LPQLTP C,D
#
# COMPACT_ATOMS: atom_id res chain seq x y z
N MET A 6 -17.71 -16.58 8.48
CA MET A 6 -17.55 -18.05 8.60
C MET A 6 -17.15 -18.41 10.03
N ASP A 7 -16.38 -19.47 10.19
CA ASP A 7 -15.88 -19.84 11.55
C ASP A 7 -14.98 -18.72 12.04
N LYS A 8 -15.07 -18.36 13.32
CA LYS A 8 -14.18 -17.34 13.91
C LYS A 8 -12.73 -17.78 13.75
N ASN A 9 -12.42 -19.05 13.99
CA ASN A 9 -11.00 -19.47 13.98
C ASN A 9 -10.42 -19.31 12.57
N GLU A 10 -11.21 -19.64 11.55
CA GLU A 10 -10.77 -19.49 10.14
C GLU A 10 -10.56 -18.01 9.84
N LEU A 11 -11.44 -17.15 10.32
CA LEU A 11 -11.35 -15.70 10.07
C LEU A 11 -10.06 -15.14 10.68
N VAL A 12 -9.66 -15.66 11.84
CA VAL A 12 -8.39 -15.23 12.48
C VAL A 12 -7.19 -15.68 11.64
N GLN A 13 -7.21 -16.93 11.15
CA GLN A 13 -6.09 -17.45 10.33
C GLN A 13 -6.01 -16.60 9.08
N LYS A 14 -7.17 -16.31 8.53
CA LYS A 14 -7.29 -15.50 7.35
C LYS A 14 -6.76 -14.10 7.59
N ALA A 15 -7.01 -13.57 8.77
CA ALA A 15 -6.56 -12.24 9.10
C ALA A 15 -5.05 -12.20 9.16
N LYS A 16 -4.50 -13.27 9.67
CA LYS A 16 -3.07 -13.45 9.78
C LYS A 16 -2.47 -13.54 8.40
N LEU A 17 -3.18 -14.22 7.51
CA LEU A 17 -2.76 -14.36 6.11
C LEU A 17 -2.75 -13.02 5.38
N ALA A 18 -3.81 -12.25 5.58
CA ALA A 18 -3.93 -10.96 4.98
C ALA A 18 -2.86 -10.01 5.47
N GLU A 19 -2.49 -10.10 6.74
CA GLU A 19 -1.46 -9.27 7.28
C GLU A 19 -0.17 -9.52 6.58
N GLN A 20 0.20 -10.76 6.44
CA GLN A 20 1.43 -11.11 5.78
C GLN A 20 1.44 -10.67 4.33
N ALA A 21 0.31 -10.72 3.69
CA ALA A 21 0.17 -10.28 2.33
C ALA A 21 -0.07 -8.80 2.16
N GLU A 22 -0.13 -8.06 3.24
CA GLU A 22 -0.37 -6.63 3.27
C GLU A 22 -1.64 -6.17 2.67
N ARG A 23 -2.65 -6.97 2.85
CA ARG A 23 -3.97 -6.69 2.41
C ARG A 23 -4.74 -6.36 3.68
N TYR A 24 -4.54 -5.14 4.16
CA TYR A 24 -5.11 -4.63 5.41
C TYR A 24 -6.60 -4.44 5.43
N ASP A 25 -7.17 -4.18 4.27
CA ASP A 25 -8.59 -4.04 4.12
C ASP A 25 -9.21 -5.39 4.46
N ASP A 26 -8.64 -6.47 3.95
CA ASP A 26 -9.09 -7.81 4.23
C ASP A 26 -8.91 -8.17 5.68
N MET A 27 -7.75 -7.86 6.24
CA MET A 27 -7.45 -8.15 7.63
C MET A 27 -8.49 -7.57 8.56
N ALA A 28 -8.79 -6.33 8.33
CA ALA A 28 -9.76 -5.56 9.07
C ALA A 28 -11.14 -6.18 8.92
N ALA A 29 -11.51 -6.61 7.72
CA ALA A 29 -12.79 -7.25 7.47
C ALA A 29 -12.97 -8.50 8.28
N CYS A 30 -11.95 -9.35 8.31
CA CYS A 30 -11.95 -10.57 9.06
C CYS A 30 -12.07 -10.29 10.55
N MET A 31 -11.33 -9.31 11.03
CA MET A 31 -11.31 -8.98 12.45
C MET A 31 -12.57 -8.32 12.92
N LYS A 32 -13.18 -7.53 12.07
CA LYS A 32 -14.43 -6.90 12.39
C LYS A 32 -15.50 -7.98 12.53
N SER A 33 -15.50 -8.93 11.64
CA SER A 33 -16.41 -10.01 11.67
C SER A 33 -16.29 -10.84 12.93
N VAL A 34 -15.06 -11.14 13.33
CA VAL A 34 -14.77 -11.88 14.54
C VAL A 34 -15.38 -11.16 15.75
N THR A 35 -15.21 -9.87 15.81
CA THR A 35 -15.69 -9.02 16.87
C THR A 35 -17.16 -9.01 16.91
N GLU A 36 -17.76 -9.11 15.75
CA GLU A 36 -19.20 -9.12 15.58
C GLU A 36 -19.87 -10.41 16.01
N GLN A 37 -19.07 -11.43 16.25
CA GLN A 37 -19.60 -12.73 16.75
C GLN A 37 -20.01 -12.56 18.22
N GLY A 38 -19.38 -11.64 18.93
CA GLY A 38 -19.81 -11.32 20.25
C GLY A 38 -19.05 -11.83 21.43
N ALA A 39 -18.14 -12.72 21.22
CA ALA A 39 -17.39 -13.19 22.32
C ALA A 39 -16.25 -12.24 22.53
N GLU A 40 -15.82 -12.10 23.77
CA GLU A 40 -14.73 -11.25 24.11
C GLU A 40 -13.46 -11.68 23.38
N LEU A 41 -12.80 -10.73 22.75
CA LEU A 41 -11.61 -11.03 22.00
C LEU A 41 -10.49 -11.49 22.88
N SER A 42 -9.69 -12.35 22.34
CA SER A 42 -8.51 -12.80 23.03
C SER A 42 -7.44 -11.74 22.84
N ASN A 43 -6.37 -11.79 23.61
CA ASN A 43 -5.28 -10.86 23.47
C ASN A 43 -4.71 -10.81 22.05
N GLU A 44 -4.59 -11.95 21.41
CA GLU A 44 -4.15 -12.00 20.08
C GLU A 44 -5.16 -11.38 19.13
N GLU A 45 -6.47 -11.62 19.30
CA GLU A 45 -7.44 -11.09 18.38
C GLU A 45 -7.53 -9.59 18.58
N ARG A 46 -7.37 -9.14 19.79
CA ARG A 46 -7.40 -7.74 20.06
C ARG A 46 -6.29 -6.97 19.33
N ASN A 47 -5.11 -7.52 19.35
CA ASN A 47 -4.02 -6.89 18.72
C ASN A 47 -4.06 -6.97 17.20
N LEU A 48 -4.59 -8.04 16.65
CA LEU A 48 -4.74 -8.14 15.22
C LEU A 48 -5.76 -7.10 14.76
N LEU A 49 -6.86 -6.93 15.47
CA LEU A 49 -7.85 -5.93 15.12
C LEU A 49 -7.21 -4.54 15.10
N SER A 50 -6.58 -4.19 16.19
CA SER A 50 -5.87 -2.95 16.31
C SER A 50 -4.88 -2.71 15.14
N VAL A 51 -4.12 -3.73 14.77
CA VAL A 51 -3.16 -3.67 13.69
C VAL A 51 -3.82 -3.41 12.35
N ALA A 52 -4.87 -4.14 12.07
CA ALA A 52 -5.55 -3.99 10.83
C ALA A 52 -6.09 -2.61 10.66
N TYR A 53 -6.81 -2.12 11.63
CA TYR A 53 -7.38 -0.80 11.53
C TYR A 53 -6.40 0.34 11.52
N LYS A 54 -5.27 0.18 12.20
CA LYS A 54 -4.27 1.21 12.24
C LYS A 54 -3.73 1.42 10.84
N ASN A 55 -3.42 0.32 10.20
CA ASN A 55 -2.98 0.39 8.82
C ASN A 55 -4.00 0.87 7.83
N VAL A 56 -5.25 0.48 7.99
CA VAL A 56 -6.27 0.89 7.07
C VAL A 56 -6.54 2.40 7.21
N VAL A 57 -6.74 2.87 8.42
CA VAL A 57 -6.96 4.26 8.61
C VAL A 57 -5.69 5.01 8.36
N GLY A 58 -4.55 4.35 8.53
CA GLY A 58 -3.27 4.96 8.36
C GLY A 58 -2.98 5.37 6.97
N ALA A 59 -3.48 4.60 6.02
CA ALA A 59 -3.32 4.89 4.63
C ALA A 59 -3.95 6.21 4.28
N ARG A 60 -5.13 6.44 4.78
CA ARG A 60 -5.87 7.65 4.52
C ARG A 60 -5.30 8.85 5.23
N ARG A 61 -4.79 8.68 6.43
CA ARG A 61 -4.17 9.75 7.16
C ARG A 61 -2.95 10.30 6.39
N SER A 62 -2.17 9.43 5.77
CA SER A 62 -1.02 9.80 5.00
C SER A 62 -1.44 10.52 3.75
N SER A 63 -2.45 9.99 3.12
CA SER A 63 -2.96 10.55 1.92
C SER A 63 -3.50 11.93 2.16
N TRP A 64 -4.21 12.12 3.26
CA TRP A 64 -4.81 13.40 3.61
C TRP A 64 -3.73 14.44 3.81
N ARG A 65 -2.66 14.03 4.48
CA ARG A 65 -1.52 14.90 4.77
C ARG A 65 -0.86 15.32 3.46
N VAL A 66 -0.70 14.38 2.55
CA VAL A 66 -0.04 14.70 1.31
C VAL A 66 -0.84 15.68 0.52
N VAL A 67 -2.11 15.40 0.37
CA VAL A 67 -2.96 16.27 -0.39
C VAL A 67 -3.19 17.61 0.24
N SER A 68 -3.24 17.66 1.55
CA SER A 68 -3.43 18.89 2.27
C SER A 68 -2.23 19.71 2.00
N SER A 69 -1.09 19.07 2.07
CA SER A 69 0.14 19.74 1.83
C SER A 69 0.15 20.37 0.47
N ILE A 70 -0.14 19.59 -0.55
CA ILE A 70 -0.17 20.09 -1.90
C ILE A 70 -1.16 21.21 -2.09
N GLU A 71 -2.34 21.09 -1.46
CA GLU A 71 -3.43 22.10 -1.57
C GLU A 71 -2.98 23.44 -1.01
N GLN A 72 -2.15 23.41 0.02
CA GLN A 72 -1.70 24.66 0.67
C GLN A 72 -0.59 25.27 -0.14
N LYS A 73 0.14 24.46 -0.90
CA LYS A 73 1.29 25.01 -1.60
C LYS A 73 0.90 25.55 -2.94
N THR A 74 -0.27 25.16 -3.40
CA THR A 74 -0.75 25.62 -4.67
C THR A 74 -1.68 26.77 -4.54
N GLU A 75 -1.63 27.37 -3.34
CA GLU A 75 -2.45 28.56 -3.03
C GLU A 75 -2.05 29.66 -4.01
N GLY A 76 -3.02 30.16 -4.75
CA GLY A 76 -2.79 31.17 -5.75
C GLY A 76 -3.00 30.56 -7.13
N ALA A 77 -2.77 29.26 -7.27
CA ALA A 77 -3.02 28.53 -8.51
C ALA A 77 -4.52 28.37 -8.80
N GLU A 78 -5.31 28.17 -7.76
CA GLU A 78 -6.78 28.12 -7.81
C GLU A 78 -7.53 26.99 -8.49
N LYS A 79 -7.32 26.74 -9.77
CA LYS A 79 -8.00 25.61 -10.37
C LYS A 79 -7.45 24.30 -9.77
N LYS A 80 -6.16 24.26 -9.55
CA LYS A 80 -5.62 23.06 -8.98
C LYS A 80 -6.05 22.96 -7.55
N GLN A 81 -6.02 24.07 -6.85
CA GLN A 81 -6.42 24.06 -5.48
C GLN A 81 -7.77 23.41 -5.27
N GLN A 82 -8.70 23.66 -6.15
CA GLN A 82 -10.01 23.08 -6.02
C GLN A 82 -9.98 21.61 -6.35
N MET A 83 -8.98 21.21 -7.08
CA MET A 83 -8.86 19.84 -7.44
C MET A 83 -8.49 19.13 -6.16
N ALA A 84 -7.49 19.65 -5.50
CA ALA A 84 -6.97 19.09 -4.27
C ALA A 84 -7.98 19.13 -3.14
N ARG A 85 -8.73 20.19 -3.07
CA ARG A 85 -9.73 20.36 -2.03
C ARG A 85 -10.76 19.30 -2.20
N GLU A 86 -11.24 19.10 -3.41
CA GLU A 86 -12.22 18.08 -3.64
C GLU A 86 -11.67 16.68 -3.35
N TYR A 87 -10.41 16.42 -3.66
CA TYR A 87 -9.85 15.11 -3.38
C TYR A 87 -9.64 14.90 -1.92
N ARG A 88 -9.12 15.90 -1.26
CA ARG A 88 -8.90 15.82 0.15
C ARG A 88 -10.21 15.50 0.78
N GLU A 89 -11.27 16.07 0.26
CA GLU A 89 -12.57 15.84 0.88
C GLU A 89 -13.01 14.40 0.75
N LYS A 90 -12.72 13.81 -0.38
CA LYS A 90 -13.07 12.45 -0.66
C LYS A 90 -12.31 11.51 0.26
N ILE A 91 -11.04 11.79 0.47
CA ILE A 91 -10.25 10.99 1.35
C ILE A 91 -10.79 11.09 2.78
N GLU A 92 -11.21 12.28 3.18
CA GLU A 92 -11.76 12.56 4.48
C GLU A 92 -12.99 11.72 4.79
N THR A 93 -13.82 11.52 3.80
CA THR A 93 -15.00 10.75 3.92
C THR A 93 -14.68 9.28 4.12
N GLU A 94 -13.67 8.78 3.44
CA GLU A 94 -13.25 7.41 3.59
C GLU A 94 -12.77 7.24 5.01
N LEU A 95 -11.97 8.17 5.42
CA LEU A 95 -11.45 8.19 6.73
C LEU A 95 -12.52 8.15 7.80
N ARG A 96 -13.54 8.99 7.69
CA ARG A 96 -14.59 9.03 8.69
C ARG A 96 -15.32 7.72 8.73
N ASP A 97 -15.61 7.17 7.57
N ASP A 97 -15.63 7.27 7.59
CA ASP A 97 -16.26 5.91 7.50
CA ASP A 97 -16.27 6.00 7.51
C ASP A 97 -15.42 4.86 8.24
C ASP A 97 -15.44 4.96 8.26
N ILE A 98 -14.13 4.80 7.98
CA ILE A 98 -13.27 3.87 8.68
C ILE A 98 -13.36 4.11 10.20
N CYS A 99 -13.25 5.36 10.61
CA CYS A 99 -13.31 5.71 11.99
C CYS A 99 -14.65 5.41 12.62
N ASN A 100 -15.74 5.61 11.89
CA ASN A 100 -17.06 5.32 12.36
C ASN A 100 -17.24 3.84 12.54
N ASP A 101 -16.60 3.03 11.70
CA ASP A 101 -16.72 1.56 11.80
C ASP A 101 -16.07 1.07 13.10
N VAL A 102 -14.86 1.57 13.41
CA VAL A 102 -14.11 1.22 14.58
C VAL A 102 -14.83 1.65 15.84
N LEU A 103 -15.32 2.86 15.86
CA LEU A 103 -16.01 3.36 17.02
C LEU A 103 -17.28 2.63 17.30
N SER A 104 -17.97 2.20 16.28
CA SER A 104 -19.15 1.46 16.51
C SER A 104 -18.85 0.11 17.09
N LEU A 105 -17.78 -0.51 16.65
CA LEU A 105 -17.34 -1.80 17.12
C LEU A 105 -17.03 -1.65 18.56
N LEU A 106 -16.39 -0.57 18.86
CA LEU A 106 -15.96 -0.29 20.19
C LEU A 106 -17.10 -0.15 21.13
N GLU A 107 -18.13 0.61 20.75
CA GLU A 107 -19.27 0.88 21.67
C GLU A 107 -20.22 -0.30 21.79
N LYS A 108 -20.44 -1.03 20.70
CA LYS A 108 -21.46 -2.10 20.72
C LYS A 108 -20.85 -3.42 21.17
N PHE A 109 -19.60 -3.66 20.86
CA PHE A 109 -19.09 -4.96 21.23
C PHE A 109 -17.95 -4.96 22.14
N LEU A 110 -16.87 -4.26 21.80
CA LEU A 110 -15.61 -4.25 22.54
C LEU A 110 -15.48 -3.66 23.93
N ILE A 111 -15.94 -2.46 24.16
CA ILE A 111 -15.86 -1.89 25.47
C ILE A 111 -16.84 -2.56 26.46
N PRO A 112 -18.04 -2.90 25.99
CA PRO A 112 -19.00 -3.57 26.85
C PRO A 112 -18.60 -4.96 27.26
N ASN A 113 -17.97 -5.72 26.40
CA ASN A 113 -17.54 -7.07 26.72
C ASN A 113 -16.20 -7.17 27.46
N ALA A 114 -15.51 -6.07 27.67
CA ALA A 114 -14.24 -6.08 28.32
C ALA A 114 -14.42 -6.34 29.81
N SER A 115 -13.89 -7.45 30.28
CA SER A 115 -14.05 -7.82 31.67
C SER A 115 -12.84 -7.75 32.51
N GLN A 116 -11.77 -7.17 32.01
CA GLN A 116 -10.55 -7.00 32.76
C GLN A 116 -10.08 -5.61 32.44
N ALA A 117 -9.47 -5.02 33.43
CA ALA A 117 -8.96 -3.64 33.38
C ALA A 117 -8.08 -3.33 32.21
N GLU A 118 -7.22 -4.26 31.90
CA GLU A 118 -6.25 -4.10 30.83
C GLU A 118 -6.91 -3.95 29.47
N SER A 119 -7.93 -4.75 29.18
CA SER A 119 -8.57 -4.63 27.90
C SER A 119 -9.49 -3.46 27.88
N LYS A 120 -10.05 -3.10 29.04
CA LYS A 120 -10.91 -1.94 29.13
C LYS A 120 -10.12 -0.68 28.80
N VAL A 121 -8.90 -0.61 29.32
CA VAL A 121 -8.02 0.49 29.06
C VAL A 121 -7.58 0.51 27.60
N PHE A 122 -7.32 -0.64 27.01
CA PHE A 122 -6.92 -0.76 25.65
C PHE A 122 -8.01 -0.20 24.79
N TYR A 123 -9.21 -0.66 24.97
CA TYR A 123 -10.29 -0.19 24.14
C TYR A 123 -10.67 1.26 24.33
N LEU A 124 -10.57 1.80 25.53
CA LEU A 124 -10.86 3.17 25.75
C LEU A 124 -9.79 4.06 25.17
N LYS A 125 -8.56 3.58 25.13
CA LYS A 125 -7.48 4.30 24.50
C LYS A 125 -7.80 4.35 23.03
N MET A 126 -8.15 3.20 22.49
CA MET A 126 -8.49 3.07 21.11
C MET A 126 -9.59 4.03 20.70
N LYS A 127 -10.59 4.23 21.56
CA LYS A 127 -11.67 5.17 21.35
C LYS A 127 -11.12 6.60 21.31
N GLY A 128 -10.28 6.92 22.26
CA GLY A 128 -9.63 8.20 22.29
C GLY A 128 -8.87 8.40 20.94
N ASP A 129 -8.16 7.39 20.46
CA ASP A 129 -7.42 7.45 19.21
C ASP A 129 -8.26 7.69 17.99
N TYR A 130 -9.34 6.95 17.85
CA TYR A 130 -10.21 7.11 16.71
C TYR A 130 -11.06 8.37 16.66
N TYR A 131 -11.33 8.98 17.79
CA TYR A 131 -12.00 10.24 17.81
C TYR A 131 -10.97 11.27 17.48
N ARG A 132 -9.73 11.06 17.90
CA ARG A 132 -8.62 11.94 17.61
C ARG A 132 -8.44 12.02 16.08
N TYR A 133 -8.51 10.90 15.40
CA TYR A 133 -8.37 10.88 13.99
C TYR A 133 -9.51 11.70 13.37
N LEU A 134 -10.70 11.62 13.92
CA LEU A 134 -11.86 12.39 13.42
C LEU A 134 -11.67 13.88 13.69
N ALA A 135 -11.16 14.23 14.84
CA ALA A 135 -10.93 15.61 15.12
C ALA A 135 -10.04 16.25 14.04
N GLU A 136 -9.14 15.47 13.48
CA GLU A 136 -8.21 15.96 12.52
C GLU A 136 -8.81 16.39 11.20
N VAL A 137 -9.92 15.85 10.82
CA VAL A 137 -10.57 16.21 9.61
C VAL A 137 -11.98 16.66 9.86
N ALA A 138 -12.28 17.20 11.01
CA ALA A 138 -13.64 17.56 11.32
C ALA A 138 -14.10 18.94 10.90
N ALA A 139 -15.35 19.01 10.46
CA ALA A 139 -15.95 20.28 10.05
C ALA A 139 -15.97 21.18 11.25
N GLY A 140 -15.60 22.43 11.13
CA GLY A 140 -15.54 23.34 12.24
C GLY A 140 -16.67 23.34 13.24
N ASP A 141 -17.86 23.03 12.79
CA ASP A 141 -19.01 23.03 13.62
C ASP A 141 -19.06 21.84 14.54
N ASP A 142 -18.58 20.72 14.04
CA ASP A 142 -18.55 19.45 14.71
C ASP A 142 -17.30 19.17 15.48
N LYS A 143 -16.26 19.98 15.29
CA LYS A 143 -14.99 19.70 15.90
C LYS A 143 -14.90 19.62 17.40
N LYS A 144 -15.40 20.61 18.10
CA LYS A 144 -15.38 20.64 19.56
C LYS A 144 -15.98 19.39 20.15
N GLY A 145 -17.11 18.98 19.63
CA GLY A 145 -17.72 17.78 20.12
C GLY A 145 -16.89 16.53 20.01
N ILE A 146 -16.16 16.42 18.90
CA ILE A 146 -15.28 15.33 18.66
C ILE A 146 -14.08 15.41 19.56
N VAL A 147 -13.55 16.58 19.79
CA VAL A 147 -12.41 16.69 20.67
C VAL A 147 -12.74 16.29 22.12
N ASP A 148 -13.93 16.62 22.57
CA ASP A 148 -14.34 16.31 23.92
C ASP A 148 -14.55 14.81 24.04
N GLN A 149 -15.09 14.23 23.00
CA GLN A 149 -15.35 12.82 22.95
C GLN A 149 -14.05 12.02 23.00
N SER A 150 -12.99 12.56 22.41
CA SER A 150 -11.71 11.93 22.39
C SER A 150 -11.11 12.02 23.79
N GLN A 151 -11.00 13.24 24.27
CA GLN A 151 -10.49 13.53 25.60
C GLN A 151 -11.16 12.72 26.67
N GLN A 152 -12.46 12.59 26.57
CA GLN A 152 -13.20 11.85 27.53
C GLN A 152 -12.79 10.42 27.57
N ALA A 153 -12.68 9.78 26.41
CA ALA A 153 -12.33 8.40 26.35
C ALA A 153 -10.98 8.18 26.94
N TYR A 154 -10.07 9.07 26.65
CA TYR A 154 -8.70 8.98 27.10
C TYR A 154 -8.59 9.07 28.60
N GLN A 155 -9.33 10.03 29.12
CA GLN A 155 -9.43 10.33 30.50
C GLN A 155 -9.86 9.14 31.30
N GLU A 156 -10.94 8.56 30.88
CA GLU A 156 -11.48 7.41 31.51
C GLU A 156 -10.46 6.28 31.55
N ALA A 157 -9.81 6.00 30.44
CA ALA A 157 -8.79 4.96 30.36
C ALA A 157 -7.66 5.27 31.29
N PHE A 158 -7.27 6.51 31.33
CA PHE A 158 -6.20 6.97 32.16
C PHE A 158 -6.48 6.70 33.63
N GLU A 159 -7.67 7.00 34.07
CA GLU A 159 -8.06 6.78 35.44
C GLU A 159 -7.96 5.32 35.82
N ILE A 160 -8.56 4.46 35.03
CA ILE A 160 -8.52 3.05 35.23
C ILE A 160 -7.11 2.53 35.28
N SER A 161 -6.25 2.96 34.38
CA SER A 161 -4.90 2.51 34.37
C SER A 161 -4.06 2.85 35.55
N LYS A 162 -4.18 4.07 36.07
CA LYS A 162 -3.38 4.45 37.22
C LYS A 162 -3.77 3.59 38.40
N LYS A 163 -5.05 3.40 38.57
CA LYS A 163 -5.55 2.54 39.61
C LYS A 163 -5.30 1.02 39.47
N GLU A 164 -5.52 0.46 38.28
CA GLU A 164 -5.39 -0.97 38.08
C GLU A 164 -4.12 -1.52 37.46
N MET A 165 -3.28 -0.67 36.89
CA MET A 165 -2.08 -1.21 36.21
C MET A 165 -0.81 -0.56 36.74
N GLN A 166 0.29 -1.28 36.57
CA GLN A 166 1.60 -0.79 37.00
C GLN A 166 2.09 0.28 36.01
N PRO A 167 2.94 1.26 36.41
CA PRO A 167 3.42 2.30 35.52
C PRO A 167 4.25 1.78 34.35
N THR A 168 4.77 0.57 34.44
CA THR A 168 5.57 0.01 33.42
C THR A 168 4.76 -0.82 32.43
N HIS A 169 3.48 -0.99 32.66
CA HIS A 169 2.65 -1.74 31.75
C HIS A 169 2.57 -1.04 30.41
N PRO A 170 2.94 -1.73 29.32
CA PRO A 170 2.94 -1.21 27.96
C PRO A 170 1.70 -0.46 27.55
N ILE A 171 0.55 -0.97 27.90
CA ILE A 171 -0.68 -0.37 27.60
C ILE A 171 -0.88 0.89 28.41
N ARG A 172 -0.42 0.94 29.64
CA ARG A 172 -0.53 2.15 30.39
C ARG A 172 0.42 3.17 29.78
N LEU A 173 1.58 2.71 29.39
CA LEU A 173 2.56 3.58 28.81
C LEU A 173 2.11 4.09 27.46
N GLY A 174 1.50 3.23 26.67
CA GLY A 174 1.03 3.61 25.36
C GLY A 174 -0.08 4.62 25.43
N LEU A 175 -0.93 4.50 26.42
CA LEU A 175 -2.01 5.41 26.62
C LEU A 175 -1.48 6.81 26.90
N ALA A 176 -0.50 6.87 27.76
CA ALA A 176 0.17 8.08 28.14
C ALA A 176 0.84 8.72 26.94
N LEU A 177 1.41 7.91 26.08
CA LEU A 177 2.06 8.41 24.92
C LEU A 177 1.06 9.07 24.01
N ASN A 178 -0.04 8.42 23.75
CA ASN A 178 -1.02 8.95 22.84
C ASN A 178 -1.80 10.10 23.43
N PHE A 179 -2.10 10.02 24.71
CA PHE A 179 -2.87 11.05 25.39
C PHE A 179 -2.10 12.34 25.36
N SER A 180 -0.82 12.27 25.58
CA SER A 180 -0.01 13.43 25.55
C SER A 180 0.07 14.05 24.18
N VAL A 181 0.08 13.23 23.14
CA VAL A 181 0.12 13.66 21.75
C VAL A 181 -1.15 14.39 21.41
N PHE A 182 -2.24 13.93 22.00
CA PHE A 182 -3.55 14.51 21.84
C PHE A 182 -3.58 15.92 22.40
N TYR A 183 -2.81 16.15 23.44
CA TYR A 183 -2.74 17.44 24.08
C TYR A 183 -1.87 18.33 23.23
N TYR A 184 -0.78 17.80 22.76
CA TYR A 184 0.08 18.60 21.96
C TYR A 184 -0.52 18.96 20.63
N GLU A 185 -0.93 17.94 19.93
CA GLU A 185 -1.45 18.08 18.58
C GLU A 185 -2.89 18.47 18.46
N ILE A 186 -3.75 17.97 19.32
CA ILE A 186 -5.13 18.32 19.19
C ILE A 186 -5.59 19.52 19.98
N LEU A 187 -5.01 19.74 21.14
CA LEU A 187 -5.40 20.86 21.97
C LEU A 187 -4.40 21.95 21.92
N ASN A 188 -3.28 21.73 21.25
CA ASN A 188 -2.21 22.70 21.17
C ASN A 188 -1.77 23.15 22.55
N SER A 189 -1.57 22.21 23.45
CA SER A 189 -1.19 22.51 24.80
C SER A 189 0.02 21.74 25.13
N PRO A 190 1.15 22.22 24.69
CA PRO A 190 2.40 21.53 24.92
C PRO A 190 2.81 21.37 26.35
N GLU A 191 2.25 22.15 27.27
CA GLU A 191 2.58 22.09 28.66
C GLU A 191 2.04 20.83 29.26
N LYS A 192 0.77 20.59 29.06
CA LYS A 192 0.12 19.42 29.54
C LYS A 192 0.62 18.14 28.86
N ALA A 193 1.07 18.22 27.64
CA ALA A 193 1.57 17.12 26.87
C ALA A 193 2.89 16.69 27.41
N CYS A 194 3.71 17.66 27.73
CA CYS A 194 5.02 17.40 28.25
C CYS A 194 4.96 16.95 29.69
N SER A 195 4.03 17.52 30.41
CA SER A 195 3.84 17.18 31.78
C SER A 195 3.39 15.74 31.88
N LEU A 196 2.38 15.37 31.12
CA LEU A 196 1.84 14.05 31.10
C LEU A 196 2.85 13.00 30.70
N ALA A 197 3.64 13.29 29.70
CA ALA A 197 4.62 12.36 29.24
C ALA A 197 5.71 12.16 30.22
N LYS A 198 6.31 13.24 30.66
CA LYS A 198 7.41 13.22 31.59
C LYS A 198 7.07 12.50 32.85
N THR A 199 5.93 12.79 33.41
CA THR A 199 5.50 12.16 34.63
C THR A 199 5.42 10.69 34.46
N ALA A 200 4.77 10.25 33.41
CA ALA A 200 4.62 8.85 33.09
C ALA A 200 5.93 8.14 32.90
N PHE A 201 6.89 8.78 32.27
CA PHE A 201 8.20 8.22 32.06
C PHE A 201 8.91 8.09 33.40
N ASP A 202 8.79 9.13 34.22
CA ASP A 202 9.41 9.15 35.53
C ASP A 202 8.84 8.07 36.40
N GLU A 203 7.54 7.86 36.36
CA GLU A 203 6.96 6.81 37.15
C GLU A 203 7.30 5.42 36.69
N ALA A 204 7.56 5.25 35.42
CA ALA A 204 7.94 3.98 34.91
C ALA A 204 9.36 3.73 35.38
N ILE A 205 10.17 4.78 35.33
CA ILE A 205 11.54 4.74 35.75
C ILE A 205 11.62 4.47 37.24
N ALA A 206 10.72 5.02 38.02
CA ALA A 206 10.72 4.78 39.44
C ALA A 206 10.35 3.36 39.84
N GLU A 207 9.65 2.62 38.98
CA GLU A 207 9.25 1.28 39.35
C GLU A 207 9.80 0.30 38.39
N LEU A 208 11.03 0.53 38.01
CA LEU A 208 11.73 -0.29 37.05
C LEU A 208 11.75 -1.75 37.45
N ASP A 209 11.45 -1.99 38.71
CA ASP A 209 11.47 -3.32 39.19
C ASP A 209 10.17 -4.05 39.02
N THR A 210 9.22 -3.41 38.38
CA THR A 210 7.96 -4.04 38.13
C THR A 210 7.89 -4.56 36.72
N LEU A 211 9.03 -4.59 36.04
CA LEU A 211 9.12 -5.06 34.68
C LEU A 211 8.90 -6.53 34.66
N SER A 212 8.18 -7.00 33.66
CA SER A 212 7.85 -8.42 33.63
C SER A 212 8.60 -9.10 32.50
N GLU A 213 8.84 -10.38 32.67
CA GLU A 213 9.52 -11.21 31.72
C GLU A 213 8.81 -11.17 30.40
N GLU A 214 7.50 -11.18 30.43
CA GLU A 214 6.74 -11.16 29.20
C GLU A 214 6.66 -9.81 28.53
N SER A 215 6.97 -8.76 29.25
CA SER A 215 6.85 -7.45 28.64
C SER A 215 7.89 -6.37 28.94
N TYR A 216 9.12 -6.72 29.15
CA TYR A 216 10.07 -5.72 29.45
C TYR A 216 10.54 -5.08 28.17
N LYS A 217 10.50 -5.79 27.06
CA LYS A 217 10.90 -5.18 25.82
C LYS A 217 9.98 -4.07 25.36
N ASP A 218 8.68 -4.28 25.47
CA ASP A 218 7.72 -3.30 25.05
C ASP A 218 7.71 -2.09 25.95
N SER A 219 7.91 -2.32 27.22
CA SER A 219 7.93 -1.27 28.18
C SER A 219 9.03 -0.27 27.88
N THR A 220 10.24 -0.74 27.67
CA THR A 220 11.34 0.16 27.43
C THR A 220 11.33 0.85 26.07
N LEU A 221 10.75 0.19 25.09
CA LEU A 221 10.61 0.79 23.78
C LEU A 221 9.69 1.95 23.91
N ILE A 222 8.63 1.76 24.65
CA ILE A 222 7.67 2.83 24.84
C ILE A 222 8.19 3.96 25.71
N MET A 223 8.98 3.63 26.70
CA MET A 223 9.55 4.60 27.56
C MET A 223 10.37 5.50 26.69
N GLN A 224 11.10 4.89 25.77
CA GLN A 224 11.92 5.58 24.83
C GLN A 224 11.13 6.39 23.85
N LEU A 225 9.92 6.01 23.52
CA LEU A 225 9.11 6.78 22.62
C LEU A 225 8.69 8.07 23.31
N LEU A 226 8.39 7.96 24.58
CA LEU A 226 8.05 9.10 25.41
C LEU A 226 9.21 10.06 25.46
N ARG A 227 10.39 9.55 25.61
CA ARG A 227 11.54 10.35 25.60
C ARG A 227 11.71 11.06 24.26
N ASP A 228 11.47 10.37 23.17
CA ASP A 228 11.65 10.97 21.88
C ASP A 228 10.73 12.14 21.72
N ASN A 229 9.49 11.98 22.12
CA ASN A 229 8.56 13.05 22.04
C ASN A 229 8.94 14.25 22.93
N LEU A 230 9.40 13.99 24.14
CA LEU A 230 9.77 15.06 25.03
C LEU A 230 10.91 15.86 24.49
N THR A 231 11.95 15.19 24.06
CA THR A 231 13.06 15.81 23.43
C THR A 231 12.68 16.64 22.22
N LEU A 232 11.79 16.13 21.42
CA LEU A 232 11.29 16.80 20.26
C LEU A 232 10.57 18.05 20.61
N TRP A 233 9.84 18.01 21.70
CA TRP A 233 9.04 19.12 22.14
C TRP A 233 9.80 20.10 23.01
N THR A 234 10.87 19.66 23.66
CA THR A 234 11.64 20.54 24.51
C THR A 234 12.89 21.07 23.86
N SER A 235 12.84 21.15 22.55
CA SER A 235 13.91 21.75 21.85
C SER A 235 13.21 22.94 21.28
N MET B 6 -13.54 20.90 -19.75
CA MET B 6 -12.11 20.59 -19.71
C MET B 6 -11.82 19.42 -18.79
N ASP B 7 -12.53 18.30 -18.98
CA ASP B 7 -12.33 17.11 -18.17
C ASP B 7 -11.02 16.35 -18.34
N LYS B 8 -10.53 16.16 -19.55
CA LYS B 8 -9.32 15.36 -19.71
C LYS B 8 -8.13 15.90 -18.99
N ASN B 9 -7.98 17.21 -19.00
CA ASN B 9 -6.90 17.78 -18.27
C ASN B 9 -7.03 17.59 -16.77
N GLU B 10 -8.26 17.69 -16.30
CA GLU B 10 -8.58 17.51 -14.92
C GLU B 10 -8.28 16.11 -14.46
N LEU B 11 -8.61 15.11 -15.27
CA LEU B 11 -8.37 13.71 -14.97
C LEU B 11 -6.90 13.43 -14.85
N VAL B 12 -6.10 14.04 -15.70
CA VAL B 12 -4.67 13.88 -15.65
C VAL B 12 -4.11 14.56 -14.42
N GLN B 13 -4.69 15.70 -14.04
CA GLN B 13 -4.27 16.41 -12.84
C GLN B 13 -4.60 15.57 -11.61
N LYS B 14 -5.79 14.98 -11.60
CA LYS B 14 -6.24 14.15 -10.53
C LYS B 14 -5.42 12.86 -10.42
N ALA B 15 -5.03 12.31 -11.55
CA ALA B 15 -4.25 11.13 -11.58
C ALA B 15 -2.88 11.33 -10.94
N LYS B 16 -2.30 12.47 -11.18
CA LYS B 16 -1.03 12.84 -10.63
C LYS B 16 -1.14 13.07 -9.13
N LEU B 17 -2.26 13.62 -8.71
CA LEU B 17 -2.53 13.87 -7.32
C LEU B 17 -2.66 12.54 -6.65
N ALA B 18 -3.40 11.64 -7.26
CA ALA B 18 -3.54 10.32 -6.72
C ALA B 18 -2.23 9.59 -6.63
N GLU B 19 -1.35 9.82 -7.56
CA GLU B 19 -0.11 9.13 -7.54
C GLU B 19 0.73 9.58 -6.40
N GLN B 20 0.67 10.85 -6.09
CA GLN B 20 1.45 11.40 -5.02
C GLN B 20 0.97 10.91 -3.65
N ALA B 21 -0.32 10.70 -3.56
CA ALA B 21 -0.96 10.17 -2.38
C ALA B 21 -0.99 8.63 -2.31
N GLU B 22 -0.22 7.98 -3.17
CA GLU B 22 -0.16 6.53 -3.28
C GLU B 22 -1.50 5.87 -3.28
N ARG B 23 -2.44 6.44 -3.99
CA ARG B 23 -3.76 5.89 -4.12
C ARG B 23 -3.89 5.46 -5.55
N TYR B 24 -3.30 4.31 -5.87
CA TYR B 24 -3.21 3.77 -7.22
C TYR B 24 -4.46 3.33 -7.86
N ASP B 25 -5.43 2.97 -7.08
CA ASP B 25 -6.70 2.60 -7.65
C ASP B 25 -7.33 3.85 -8.24
N ASP B 26 -7.20 4.96 -7.56
CA ASP B 26 -7.75 6.21 -8.04
C ASP B 26 -7.04 6.60 -9.32
N MET B 27 -5.73 6.57 -9.31
CA MET B 27 -4.92 6.89 -10.44
C MET B 27 -5.28 6.13 -11.70
N ALA B 28 -5.45 4.85 -11.58
CA ALA B 28 -5.76 4.04 -12.71
C ALA B 28 -7.14 4.32 -13.23
N ALA B 29 -8.07 4.61 -12.35
CA ALA B 29 -9.43 4.89 -12.74
C ALA B 29 -9.47 6.16 -13.52
N CYS B 30 -8.74 7.13 -13.05
CA CYS B 30 -8.64 8.39 -13.76
C CYS B 30 -8.13 8.14 -15.19
N MET B 31 -7.02 7.43 -15.32
CA MET B 31 -6.40 7.13 -16.59
C MET B 31 -7.21 6.24 -17.48
N LYS B 32 -8.01 5.36 -16.92
CA LYS B 32 -8.86 4.57 -17.74
C LYS B 32 -9.91 5.47 -18.41
N SER B 33 -10.43 6.47 -17.71
CA SER B 33 -11.39 7.39 -18.27
C SER B 33 -10.82 8.18 -19.39
N VAL B 34 -9.62 8.64 -19.22
CA VAL B 34 -8.94 9.38 -20.24
C VAL B 34 -8.88 8.59 -21.52
N THR B 35 -8.44 7.35 -21.41
CA THR B 35 -8.30 6.43 -22.52
C THR B 35 -9.60 6.24 -23.27
N GLU B 36 -10.64 5.92 -22.53
CA GLU B 36 -11.97 5.67 -23.00
C GLU B 36 -12.64 6.80 -23.69
N GLN B 37 -11.97 7.92 -23.74
CA GLN B 37 -12.49 9.06 -24.44
C GLN B 37 -12.24 8.94 -25.93
N GLY B 38 -11.42 7.97 -26.31
CA GLY B 38 -11.12 7.66 -27.69
C GLY B 38 -10.08 8.48 -28.41
N ALA B 39 -9.35 9.30 -27.69
CA ALA B 39 -8.33 10.10 -28.33
C ALA B 39 -7.00 9.51 -27.92
N GLU B 40 -6.03 9.53 -28.84
CA GLU B 40 -4.66 8.97 -28.65
C GLU B 40 -3.91 9.63 -27.50
N LEU B 41 -3.41 8.83 -26.56
CA LEU B 41 -2.67 9.32 -25.45
C LEU B 41 -1.36 9.87 -25.78
N SER B 42 -1.03 10.89 -24.99
CA SER B 42 0.29 11.54 -25.08
C SER B 42 1.30 10.68 -24.35
N ASN B 43 2.57 11.00 -24.48
CA ASN B 43 3.64 10.23 -23.81
C ASN B 43 3.43 10.30 -22.30
N GLU B 44 3.05 11.46 -21.78
CA GLU B 44 2.79 11.62 -20.33
C GLU B 44 1.58 10.78 -19.94
N GLU B 45 0.49 10.93 -20.67
CA GLU B 45 -0.68 10.17 -20.37
C GLU B 45 -0.49 8.68 -20.38
N ARG B 46 0.11 8.14 -21.42
CA ARG B 46 0.32 6.72 -21.46
C ARG B 46 1.27 6.21 -20.38
N ASN B 47 2.23 6.98 -19.98
CA ASN B 47 3.10 6.55 -18.94
C ASN B 47 2.46 6.57 -17.57
N LEU B 48 1.51 7.46 -17.36
CA LEU B 48 0.77 7.57 -16.13
C LEU B 48 -0.11 6.36 -16.00
N LEU B 49 -0.70 5.97 -17.11
CA LEU B 49 -1.55 4.83 -17.16
C LEU B 49 -0.76 3.61 -16.84
N SER B 50 0.42 3.50 -17.43
CA SER B 50 1.33 2.39 -17.23
C SER B 50 1.70 2.16 -15.77
N VAL B 51 2.11 3.21 -15.11
CA VAL B 51 2.46 3.16 -13.73
C VAL B 51 1.30 2.85 -12.81
N ALA B 52 0.16 3.46 -13.05
CA ALA B 52 -1.00 3.23 -12.24
C ALA B 52 -1.36 1.77 -12.24
N TYR B 53 -1.52 1.20 -13.41
CA TYR B 53 -1.87 -0.19 -13.51
C TYR B 53 -0.79 -1.12 -13.05
N LYS B 54 0.46 -0.71 -13.16
CA LYS B 54 1.54 -1.51 -12.66
C LYS B 54 1.45 -1.65 -11.14
N ASN B 55 1.16 -0.56 -10.47
CA ASN B 55 1.04 -0.58 -9.03
C ASN B 55 -0.18 -1.37 -8.56
N VAL B 56 -1.27 -1.24 -9.27
CA VAL B 56 -2.48 -1.94 -8.95
C VAL B 56 -2.28 -3.44 -9.10
N VAL B 57 -1.76 -3.88 -10.22
CA VAL B 57 -1.51 -5.27 -10.43
C VAL B 57 -0.34 -5.74 -9.67
N GLY B 58 0.61 -4.86 -9.38
CA GLY B 58 1.79 -5.25 -8.69
C GLY B 58 1.57 -5.59 -7.24
N ALA B 59 0.53 -5.04 -6.64
CA ALA B 59 0.19 -5.35 -5.27
C ALA B 59 -0.29 -6.78 -5.20
N ARG B 60 -1.14 -7.17 -6.14
CA ARG B 60 -1.72 -8.52 -6.13
C ARG B 60 -0.64 -9.56 -6.43
N ARG B 61 0.33 -9.19 -7.26
CA ARG B 61 1.43 -10.12 -7.60
C ARG B 61 2.27 -10.35 -6.33
N SER B 62 2.58 -9.30 -5.59
CA SER B 62 3.37 -9.41 -4.34
C SER B 62 2.58 -10.27 -3.37
N SER B 63 1.28 -9.98 -3.25
CA SER B 63 0.47 -10.75 -2.38
C SER B 63 0.41 -12.19 -2.79
N TRP B 64 0.25 -12.47 -4.06
CA TRP B 64 0.16 -13.82 -4.54
C TRP B 64 1.39 -14.62 -4.20
N ARG B 65 2.53 -13.99 -4.32
CA ARG B 65 3.81 -14.58 -4.03
C ARG B 65 3.85 -14.98 -2.57
N VAL B 66 3.60 -14.04 -1.69
CA VAL B 66 3.60 -14.27 -0.24
C VAL B 66 2.75 -15.48 0.17
N VAL B 67 1.51 -15.49 -0.24
CA VAL B 67 0.58 -16.52 0.07
C VAL B 67 0.89 -17.86 -0.55
N SER B 68 1.49 -17.84 -1.72
CA SER B 68 1.81 -19.04 -2.37
C SER B 68 2.90 -19.65 -1.59
N SER B 69 3.85 -18.85 -1.18
CA SER B 69 4.95 -19.42 -0.46
C SER B 69 4.58 -19.88 0.95
N ILE B 70 3.63 -19.22 1.57
CA ILE B 70 3.17 -19.59 2.88
C ILE B 70 2.40 -20.87 2.72
N GLU B 71 1.62 -20.98 1.64
CA GLU B 71 0.85 -22.16 1.36
C GLU B 71 1.68 -23.39 1.02
N GLN B 72 2.89 -23.20 0.54
CA GLN B 72 3.73 -24.31 0.16
C GLN B 72 4.69 -24.75 1.22
N LYS B 73 4.96 -23.87 2.16
CA LYS B 73 5.82 -24.15 3.29
C LYS B 73 5.04 -24.72 4.45
N THR B 74 3.76 -24.96 4.20
CA THR B 74 2.91 -25.51 5.17
C THR B 74 2.98 -26.99 4.86
N GLU B 75 3.98 -27.64 5.47
CA GLU B 75 4.26 -29.07 5.33
C GLU B 75 3.08 -29.88 5.86
N GLY B 76 2.49 -29.41 6.96
CA GLY B 76 1.32 -30.08 7.53
C GLY B 76 0.14 -29.13 7.54
N ALA B 77 -0.65 -29.19 8.61
CA ALA B 77 -1.80 -28.29 8.86
C ALA B 77 -2.62 -28.12 7.59
N GLU B 78 -3.27 -29.19 7.11
CA GLU B 78 -4.03 -29.08 5.85
C GLU B 78 -5.13 -27.99 5.97
N LYS B 79 -5.77 -27.79 7.11
CA LYS B 79 -6.78 -26.71 7.26
C LYS B 79 -6.12 -25.33 7.00
N LYS B 80 -4.88 -25.11 7.44
CA LYS B 80 -4.18 -23.81 7.19
C LYS B 80 -3.97 -23.69 5.68
N GLN B 81 -3.21 -24.64 5.14
CA GLN B 81 -2.95 -24.78 3.74
C GLN B 81 -4.17 -24.60 2.89
N GLN B 82 -5.25 -25.22 3.28
CA GLN B 82 -6.45 -25.12 2.52
C GLN B 82 -6.89 -23.72 2.47
N MET B 83 -6.91 -23.07 3.63
CA MET B 83 -7.31 -21.69 3.73
C MET B 83 -6.42 -20.76 2.93
N ALA B 84 -5.13 -21.04 2.94
CA ALA B 84 -4.19 -20.29 2.17
C ALA B 84 -4.54 -20.41 0.69
N ARG B 85 -4.83 -21.64 0.24
CA ARG B 85 -5.20 -21.91 -1.18
C ARG B 85 -6.39 -21.03 -1.56
N GLU B 86 -7.42 -21.03 -0.73
CA GLU B 86 -8.61 -20.27 -0.98
C GLU B 86 -8.36 -18.79 -1.04
N TYR B 87 -7.48 -18.31 -0.17
CA TYR B 87 -7.11 -16.93 -0.16
C TYR B 87 -6.35 -16.62 -1.44
N ARG B 88 -5.40 -17.46 -1.81
CA ARG B 88 -4.66 -17.33 -3.05
C ARG B 88 -5.61 -17.21 -4.24
N GLU B 89 -6.61 -18.06 -4.29
CA GLU B 89 -7.60 -17.98 -5.30
C GLU B 89 -8.36 -16.64 -5.24
N LYS B 90 -8.54 -16.05 -4.09
CA LYS B 90 -9.19 -14.80 -4.05
C LYS B 90 -8.33 -13.75 -4.74
N ILE B 91 -7.06 -13.76 -4.44
CA ILE B 91 -6.13 -12.84 -4.99
C ILE B 91 -5.96 -13.02 -6.49
N GLU B 92 -5.98 -14.24 -6.96
CA GLU B 92 -5.85 -14.55 -8.37
C GLU B 92 -6.98 -13.95 -9.17
N THR B 93 -8.18 -13.99 -8.64
CA THR B 93 -9.30 -13.46 -9.30
C THR B 93 -9.21 -11.97 -9.45
N GLU B 94 -8.70 -11.29 -8.46
CA GLU B 94 -8.54 -9.86 -8.53
C GLU B 94 -7.56 -9.52 -9.61
N LEU B 95 -6.49 -10.27 -9.64
CA LEU B 95 -5.45 -10.09 -10.59
C LEU B 95 -5.95 -10.30 -11.98
N ARG B 96 -6.71 -11.35 -12.23
CA ARG B 96 -7.22 -11.56 -13.56
C ARG B 96 -8.12 -10.43 -13.96
N ASP B 97 -8.94 -9.97 -13.05
CA ASP B 97 -9.84 -8.88 -13.35
C ASP B 97 -9.08 -7.65 -13.71
N ILE B 98 -8.04 -7.33 -12.99
CA ILE B 98 -7.21 -6.18 -13.28
C ILE B 98 -6.55 -6.35 -14.66
N CYS B 99 -6.00 -7.52 -14.90
CA CYS B 99 -5.37 -7.84 -16.16
C CYS B 99 -6.31 -7.72 -17.32
N ASN B 100 -7.50 -8.24 -17.18
CA ASN B 100 -8.51 -8.22 -18.21
C ASN B 100 -9.01 -6.84 -18.54
N ASP B 101 -9.01 -5.96 -17.58
CA ASP B 101 -9.38 -4.60 -17.69
C ASP B 101 -8.37 -3.86 -18.58
N VAL B 102 -7.11 -4.04 -18.27
CA VAL B 102 -6.02 -3.45 -19.00
C VAL B 102 -5.97 -3.99 -20.42
N LEU B 103 -6.11 -5.27 -20.59
CA LEU B 103 -6.08 -5.86 -21.88
C LEU B 103 -7.16 -5.33 -22.80
N SER B 104 -8.34 -5.20 -22.26
CA SER B 104 -9.47 -4.70 -22.94
C SER B 104 -9.26 -3.26 -23.39
N LEU B 105 -8.59 -2.44 -22.60
CA LEU B 105 -8.30 -1.08 -22.95
C LEU B 105 -7.34 -1.07 -24.11
N LEU B 106 -6.38 -1.94 -24.06
CA LEU B 106 -5.40 -2.05 -25.10
C LEU B 106 -6.01 -2.48 -26.41
N GLU B 107 -6.81 -3.50 -26.36
CA GLU B 107 -7.48 -4.01 -27.53
C GLU B 107 -8.53 -3.08 -28.17
N LYS B 108 -9.29 -2.42 -27.34
CA LYS B 108 -10.31 -1.55 -27.77
C LYS B 108 -9.88 -0.14 -28.05
N PHE B 109 -9.00 0.42 -27.26
CA PHE B 109 -8.61 1.79 -27.43
C PHE B 109 -7.18 2.08 -27.80
N LEU B 110 -6.23 1.59 -27.05
CA LEU B 110 -4.86 1.91 -27.27
C LEU B 110 -4.21 1.42 -28.53
N ILE B 111 -4.21 0.14 -28.77
CA ILE B 111 -3.59 -0.42 -29.95
C ILE B 111 -4.27 0.10 -31.20
N PRO B 112 -5.60 0.10 -31.25
CA PRO B 112 -6.24 0.59 -32.46
C PRO B 112 -5.92 2.01 -32.85
N ASN B 113 -5.68 2.88 -31.91
CA ASN B 113 -5.42 4.23 -32.26
C ASN B 113 -4.00 4.62 -32.28
N ALA B 114 -3.09 3.68 -32.15
CA ALA B 114 -1.69 3.99 -32.16
C ALA B 114 -1.25 4.22 -33.57
N SER B 115 -0.95 5.47 -33.88
CA SER B 115 -0.56 5.91 -35.20
C SER B 115 0.93 6.02 -35.50
N GLN B 116 1.78 5.73 -34.54
CA GLN B 116 3.20 5.76 -34.73
C GLN B 116 3.76 4.48 -34.18
N ALA B 117 4.86 4.01 -34.73
CA ALA B 117 5.43 2.76 -34.28
C ALA B 117 5.82 2.72 -32.81
N GLU B 118 6.32 3.81 -32.30
CA GLU B 118 6.71 3.90 -30.93
C GLU B 118 5.56 3.64 -29.95
N SER B 119 4.38 4.13 -30.26
CA SER B 119 3.21 3.93 -29.44
C SER B 119 2.76 2.52 -29.59
N LYS B 120 2.75 2.02 -30.80
CA LYS B 120 2.37 0.68 -31.13
C LYS B 120 3.22 -0.34 -30.36
N VAL B 121 4.52 -0.11 -30.31
CA VAL B 121 5.40 -0.95 -29.60
C VAL B 121 5.12 -0.88 -28.10
N PHE B 122 4.91 0.31 -27.60
CA PHE B 122 4.64 0.52 -26.19
C PHE B 122 3.44 -0.30 -25.74
N TYR B 123 2.36 -0.18 -26.46
CA TYR B 123 1.16 -0.86 -26.11
C TYR B 123 1.21 -2.36 -26.38
N LEU B 124 1.92 -2.77 -27.41
CA LEU B 124 2.05 -4.18 -27.68
C LEU B 124 2.89 -4.85 -26.60
N LYS B 125 3.90 -4.16 -26.10
CA LYS B 125 4.73 -4.64 -25.01
C LYS B 125 3.86 -4.84 -23.81
N MET B 126 3.09 -3.84 -23.50
CA MET B 126 2.14 -3.84 -22.42
C MET B 126 1.17 -5.01 -22.44
N LYS B 127 0.67 -5.36 -23.61
CA LYS B 127 -0.20 -6.47 -23.85
C LYS B 127 0.52 -7.77 -23.52
N GLY B 128 1.77 -7.85 -23.90
CA GLY B 128 2.60 -8.98 -23.61
C GLY B 128 2.77 -9.14 -22.12
N ASP B 129 2.98 -8.03 -21.42
CA ASP B 129 3.14 -8.00 -19.99
C ASP B 129 1.90 -8.45 -19.26
N TYR B 130 0.75 -7.94 -19.62
CA TYR B 130 -0.46 -8.29 -18.93
C TYR B 130 -0.91 -9.69 -19.19
N TYR B 131 -0.56 -10.22 -20.34
CA TYR B 131 -0.87 -11.60 -20.62
C TYR B 131 0.11 -12.46 -19.86
N ARG B 132 1.33 -11.99 -19.68
CA ARG B 132 2.32 -12.70 -18.91
C ARG B 132 1.85 -12.85 -17.43
N TYR B 133 1.31 -11.79 -16.88
CA TYR B 133 0.82 -11.82 -15.53
C TYR B 133 -0.29 -12.85 -15.42
N LEU B 134 -1.10 -12.93 -16.46
CA LEU B 134 -2.18 -13.87 -16.48
C LEU B 134 -1.70 -15.29 -16.50
N ALA B 135 -0.60 -15.53 -17.19
CA ALA B 135 0.00 -16.82 -17.32
C ALA B 135 0.57 -17.35 -16.05
N GLU B 136 0.97 -16.44 -15.18
CA GLU B 136 1.53 -16.78 -13.90
C GLU B 136 0.48 -17.42 -12.97
N VAL B 137 -0.76 -17.07 -13.12
CA VAL B 137 -1.80 -17.60 -12.30
C VAL B 137 -2.81 -18.38 -13.11
N ALA B 138 -2.39 -18.83 -14.27
CA ALA B 138 -3.28 -19.54 -15.13
C ALA B 138 -3.54 -20.98 -14.75
N ALA B 139 -4.80 -21.34 -14.87
CA ALA B 139 -5.27 -22.66 -14.64
C ALA B 139 -4.69 -23.52 -15.74
N GLY B 140 -4.21 -24.69 -15.40
CA GLY B 140 -3.61 -25.63 -16.32
C GLY B 140 -4.19 -25.75 -17.72
N ASP B 141 -5.48 -25.92 -17.82
CA ASP B 141 -6.09 -26.04 -19.13
C ASP B 141 -6.05 -24.78 -19.97
N ASP B 142 -5.98 -23.61 -19.35
CA ASP B 142 -5.93 -22.35 -20.09
C ASP B 142 -4.56 -21.75 -20.26
N LYS B 143 -3.57 -22.26 -19.60
CA LYS B 143 -2.27 -21.67 -19.63
C LYS B 143 -1.62 -21.58 -20.98
N LYS B 144 -1.70 -22.61 -21.77
CA LYS B 144 -1.05 -22.55 -23.06
C LYS B 144 -1.56 -21.42 -23.95
N GLY B 145 -2.85 -21.26 -24.11
CA GLY B 145 -3.34 -20.18 -24.90
C GLY B 145 -2.89 -18.82 -24.42
N ILE B 146 -2.87 -18.61 -23.10
CA ILE B 146 -2.49 -17.34 -22.53
C ILE B 146 -1.04 -17.07 -22.73
N VAL B 147 -0.22 -18.09 -22.63
CA VAL B 147 1.18 -17.94 -22.85
C VAL B 147 1.48 -17.56 -24.32
N ASP B 148 0.69 -18.13 -25.20
CA ASP B 148 0.84 -17.89 -26.58
C ASP B 148 0.47 -16.48 -26.93
N GLN B 149 -0.54 -15.96 -26.28
CA GLN B 149 -0.97 -14.63 -26.53
C GLN B 149 0.03 -13.61 -26.06
N SER B 150 0.77 -13.95 -25.02
CA SER B 150 1.77 -13.07 -24.50
C SER B 150 2.89 -13.03 -25.49
N GLN B 151 3.34 -14.20 -25.88
CA GLN B 151 4.41 -14.31 -26.81
C GLN B 151 4.11 -13.65 -28.15
N GLN B 152 2.90 -13.79 -28.65
CA GLN B 152 2.51 -13.18 -29.89
C GLN B 152 2.57 -11.70 -29.82
N ALA B 153 2.13 -11.12 -28.72
CA ALA B 153 2.14 -9.69 -28.56
C ALA B 153 3.52 -9.12 -28.51
N TYR B 154 4.35 -9.73 -27.68
CA TYR B 154 5.73 -9.35 -27.53
C TYR B 154 6.48 -9.47 -28.86
N GLN B 155 6.16 -10.48 -29.63
CA GLN B 155 6.76 -10.75 -30.91
C GLN B 155 6.45 -9.68 -31.95
N GLU B 156 5.20 -9.28 -32.05
CA GLU B 156 4.78 -8.25 -32.95
C GLU B 156 5.46 -6.93 -32.66
N ALA B 157 5.54 -6.57 -31.38
CA ALA B 157 6.20 -5.36 -30.93
C ALA B 157 7.66 -5.39 -31.27
N PHE B 158 8.26 -6.53 -31.07
CA PHE B 158 9.66 -6.77 -31.33
C PHE B 158 9.97 -6.50 -32.79
N GLU B 159 9.18 -7.10 -33.64
CA GLU B 159 9.32 -6.97 -35.06
C GLU B 159 9.19 -5.52 -35.45
N ILE B 160 8.18 -4.87 -34.95
CA ILE B 160 8.00 -3.48 -35.25
C ILE B 160 9.17 -2.65 -34.81
N SER B 161 9.68 -2.89 -33.62
CA SER B 161 10.76 -2.11 -33.09
C SER B 161 12.05 -2.31 -33.79
N LYS B 162 12.29 -3.49 -34.29
CA LYS B 162 13.54 -3.78 -34.95
C LYS B 162 13.58 -3.01 -36.22
N LYS B 163 12.45 -2.98 -36.89
CA LYS B 163 12.19 -2.19 -38.10
C LYS B 163 12.03 -0.69 -38.04
N GLU B 164 11.31 -0.15 -37.05
CA GLU B 164 11.03 1.24 -37.03
C GLU B 164 11.82 2.04 -36.06
N MET B 165 12.41 1.40 -35.08
CA MET B 165 13.13 2.15 -34.10
C MET B 165 14.58 1.84 -33.95
N GLN B 166 15.25 2.77 -33.35
CA GLN B 166 16.63 2.68 -33.03
C GLN B 166 16.85 1.78 -31.87
N PRO B 167 17.93 1.03 -31.90
CA PRO B 167 18.36 0.11 -30.85
C PRO B 167 18.60 0.72 -29.50
N THR B 168 18.73 2.01 -29.41
CA THR B 168 18.92 2.69 -28.17
C THR B 168 17.61 3.26 -27.62
N HIS B 169 16.55 3.17 -28.38
CA HIS B 169 15.24 3.64 -27.95
C HIS B 169 14.80 2.92 -26.71
N PRO B 170 14.50 3.67 -25.65
CA PRO B 170 14.09 3.09 -24.38
C PRO B 170 12.98 2.08 -24.48
N ILE B 171 11.96 2.34 -25.26
CA ILE B 171 10.86 1.44 -25.46
C ILE B 171 11.36 0.17 -26.14
N ARG B 172 12.24 0.29 -27.10
CA ARG B 172 12.80 -0.91 -27.70
C ARG B 172 13.61 -1.68 -26.67
N LEU B 173 14.44 -0.99 -25.90
CA LEU B 173 15.23 -1.62 -24.90
C LEU B 173 14.37 -2.29 -23.81
N GLY B 174 13.33 -1.61 -23.34
CA GLY B 174 12.42 -2.11 -22.32
C GLY B 174 11.67 -3.36 -22.71
N LEU B 175 11.31 -3.43 -24.00
CA LEU B 175 10.67 -4.56 -24.61
C LEU B 175 11.57 -5.78 -24.60
N ALA B 176 12.82 -5.62 -24.96
CA ALA B 176 13.79 -6.66 -24.92
C ALA B 176 13.96 -7.14 -23.49
N LEU B 177 14.00 -6.20 -22.55
CA LEU B 177 14.13 -6.53 -21.17
C LEU B 177 13.02 -7.40 -20.73
N ASN B 178 11.79 -7.02 -21.01
CA ASN B 178 10.66 -7.81 -20.57
C ASN B 178 10.42 -9.10 -21.34
N PHE B 179 10.71 -9.09 -22.64
CA PHE B 179 10.52 -10.26 -23.46
C PHE B 179 11.48 -11.32 -23.03
N SER B 180 12.70 -10.93 -22.71
CA SER B 180 13.73 -11.84 -22.25
C SER B 180 13.31 -12.49 -20.93
N VAL B 181 12.76 -11.68 -20.04
CA VAL B 181 12.23 -12.16 -18.77
C VAL B 181 11.08 -13.13 -19.03
N PHE B 182 10.22 -12.87 -20.00
CA PHE B 182 9.16 -13.76 -20.33
C PHE B 182 9.70 -15.13 -20.73
N TYR B 183 10.77 -15.15 -21.48
CA TYR B 183 11.36 -16.39 -21.89
C TYR B 183 11.90 -17.14 -20.69
N TYR B 184 12.60 -16.43 -19.84
CA TYR B 184 13.20 -17.00 -18.67
C TYR B 184 12.19 -17.54 -17.70
N GLU B 185 11.29 -16.67 -17.28
CA GLU B 185 10.30 -16.98 -16.30
C GLU B 185 9.08 -17.75 -16.71
N ILE B 186 8.59 -17.56 -17.92
CA ILE B 186 7.38 -18.20 -18.35
C ILE B 186 7.61 -19.42 -19.22
N LEU B 187 8.49 -19.34 -20.20
CA LEU B 187 8.71 -20.45 -21.08
C LEU B 187 9.84 -21.34 -20.63
N ASN B 188 10.42 -20.96 -19.51
CA ASN B 188 11.52 -21.63 -18.89
C ASN B 188 12.68 -21.88 -19.80
N SER B 189 13.02 -20.86 -20.57
CA SER B 189 14.10 -20.93 -21.51
C SER B 189 15.13 -19.93 -21.19
N PRO B 190 16.04 -20.26 -20.30
CA PRO B 190 17.09 -19.32 -19.89
C PRO B 190 18.05 -18.97 -20.99
N GLU B 191 18.30 -19.89 -21.89
CA GLU B 191 19.17 -19.67 -23.00
C GLU B 191 18.67 -18.63 -23.98
N LYS B 192 17.41 -18.69 -24.33
CA LYS B 192 16.79 -17.74 -25.21
C LYS B 192 16.65 -16.42 -24.51
N ALA B 193 16.34 -16.49 -23.23
CA ALA B 193 16.23 -15.31 -22.41
C ALA B 193 17.52 -14.57 -22.46
N CYS B 194 18.61 -15.27 -22.26
CA CYS B 194 19.94 -14.71 -22.33
C CYS B 194 20.32 -14.23 -23.73
N SER B 195 19.98 -14.98 -24.76
CA SER B 195 20.31 -14.61 -26.11
C SER B 195 19.65 -13.28 -26.56
N LEU B 196 18.37 -13.17 -26.30
CA LEU B 196 17.59 -12.00 -26.64
C LEU B 196 18.09 -10.78 -25.93
N ALA B 197 18.41 -10.91 -24.65
CA ALA B 197 18.92 -9.81 -23.88
C ALA B 197 20.29 -9.33 -24.33
N LYS B 198 21.20 -10.25 -24.59
CA LYS B 198 22.54 -9.93 -25.05
C LYS B 198 22.51 -9.29 -26.41
N THR B 199 21.70 -9.81 -27.29
CA THR B 199 21.59 -9.31 -28.63
C THR B 199 21.17 -7.84 -28.60
N ALA B 200 20.17 -7.56 -27.80
CA ALA B 200 19.68 -6.24 -27.64
C ALA B 200 20.70 -5.29 -27.03
N PHE B 201 21.43 -5.73 -26.03
CA PHE B 201 22.43 -4.88 -25.45
C PHE B 201 23.54 -4.61 -26.45
N ASP B 202 23.99 -5.64 -27.15
CA ASP B 202 25.04 -5.49 -28.14
C ASP B 202 24.65 -4.58 -29.27
N GLU B 203 23.43 -4.66 -29.72
CA GLU B 203 22.96 -3.79 -30.76
C GLU B 203 22.90 -2.34 -30.32
N ALA B 204 22.61 -2.11 -29.06
CA ALA B 204 22.50 -0.76 -28.58
C ALA B 204 23.89 -0.17 -28.49
N ILE B 205 24.80 -0.94 -27.94
CA ILE B 205 26.16 -0.55 -27.82
C ILE B 205 26.77 -0.25 -29.20
N ALA B 206 26.49 -1.07 -30.20
CA ALA B 206 26.96 -0.85 -31.54
C ALA B 206 26.56 0.48 -32.11
N GLU B 207 25.33 0.90 -31.85
CA GLU B 207 24.81 2.17 -32.31
C GLU B 207 24.67 3.16 -31.17
N LEU B 208 25.76 3.45 -30.50
CA LEU B 208 25.75 4.35 -29.37
C LEU B 208 25.62 5.78 -29.75
N ASP B 209 25.80 6.08 -31.02
CA ASP B 209 25.73 7.42 -31.55
C ASP B 209 24.35 7.85 -31.94
N THR B 210 23.42 6.94 -31.76
CA THR B 210 22.04 7.04 -31.99
C THR B 210 21.35 7.58 -30.76
N LEU B 211 22.05 7.64 -29.64
CA LEU B 211 21.49 8.19 -28.42
C LEU B 211 21.08 9.63 -28.62
N SER B 212 19.95 10.01 -28.04
CA SER B 212 19.45 11.39 -28.19
C SER B 212 19.41 12.16 -26.91
N GLU B 213 19.35 13.48 -27.05
CA GLU B 213 19.33 14.35 -25.91
C GLU B 213 18.26 14.00 -24.94
N GLU B 214 17.11 13.78 -25.49
CA GLU B 214 15.92 13.47 -24.79
C GLU B 214 15.81 12.12 -24.11
N SER B 215 16.44 11.14 -24.71
CA SER B 215 16.39 9.75 -24.25
C SER B 215 17.65 9.08 -23.69
N TYR B 216 18.78 9.72 -23.74
CA TYR B 216 20.00 9.09 -23.31
C TYR B 216 20.15 8.61 -21.87
N LYS B 217 19.44 9.19 -20.93
CA LYS B 217 19.46 8.72 -19.58
C LYS B 217 18.76 7.39 -19.41
N ASP B 218 17.64 7.28 -20.08
CA ASP B 218 16.74 6.15 -20.05
C ASP B 218 17.33 4.99 -20.81
N SER B 219 17.94 5.27 -21.95
CA SER B 219 18.59 4.20 -22.76
C SER B 219 19.67 3.56 -21.91
N THR B 220 20.54 4.37 -21.35
CA THR B 220 21.61 3.80 -20.60
C THR B 220 21.14 3.09 -19.37
N LEU B 221 20.13 3.64 -18.74
CA LEU B 221 19.57 3.03 -17.57
C LEU B 221 19.04 1.63 -17.90
N ILE B 222 18.31 1.50 -18.98
CA ILE B 222 17.79 0.22 -19.37
C ILE B 222 18.89 -0.74 -19.82
N MET B 223 19.95 -0.26 -20.41
CA MET B 223 21.04 -1.12 -20.77
C MET B 223 21.64 -1.75 -19.53
N GLN B 224 21.71 -0.99 -18.45
CA GLN B 224 22.23 -1.55 -17.23
C GLN B 224 21.33 -2.65 -16.69
N LEU B 225 20.03 -2.49 -16.83
CA LEU B 225 19.07 -3.47 -16.41
C LEU B 225 19.22 -4.79 -17.15
N LEU B 226 19.48 -4.72 -18.44
CA LEU B 226 19.70 -5.86 -19.26
C LEU B 226 20.93 -6.60 -18.80
N ARG B 227 21.96 -5.86 -18.50
CA ARG B 227 23.17 -6.43 -17.98
C ARG B 227 22.94 -7.08 -16.63
N ASP B 228 22.13 -6.46 -15.79
CA ASP B 228 21.80 -6.97 -14.50
C ASP B 228 21.19 -8.35 -14.65
N ASN B 229 20.21 -8.50 -15.50
CA ASN B 229 19.59 -9.78 -15.71
C ASN B 229 20.58 -10.84 -16.23
N LEU B 230 21.39 -10.45 -17.21
CA LEU B 230 22.40 -11.37 -17.80
C LEU B 230 23.37 -11.85 -16.72
N THR B 231 23.87 -10.93 -15.89
CA THR B 231 24.81 -11.27 -14.80
C THR B 231 24.15 -12.25 -13.83
N LEU B 232 22.91 -12.00 -13.45
CA LEU B 232 22.17 -12.88 -12.50
C LEU B 232 21.95 -14.25 -13.12
N TRP B 233 21.57 -14.31 -14.38
CA TRP B 233 21.37 -15.59 -15.10
C TRP B 233 22.71 -16.29 -15.44
N THR B 234 23.73 -15.54 -15.84
CA THR B 234 25.07 -16.09 -16.24
C THR B 234 25.77 -16.73 -15.04
N SER B 235 25.69 -16.10 -13.87
CA SER B 235 26.30 -16.62 -12.63
C SER B 235 25.27 -17.44 -11.83
N THR C 2 8.06 19.43 9.56
CA THR C 2 6.74 18.81 9.74
C THR C 2 6.91 17.38 10.27
N ILE C 3 7.79 17.21 11.27
CA ILE C 3 8.05 15.91 11.90
C ILE C 3 6.93 15.62 12.92
N VAL C 4 6.27 14.48 12.78
CA VAL C 4 5.13 14.14 13.64
C VAL C 4 5.54 13.17 14.77
N PRO C 5 5.31 13.54 16.05
CA PRO C 5 5.72 12.66 17.16
C PRO C 5 5.07 11.27 17.19
N ALA C 6 5.73 10.34 17.88
CA ALA C 6 5.32 8.94 17.99
C ALA C 6 4.00 8.68 18.74
N LEU C 8 1.10 5.00 19.40
CA LEU C 8 0.99 3.55 19.30
C LEU C 8 -0.45 3.05 19.14
N PRO C 9 -0.71 2.03 18.30
CA PRO C 9 0.24 1.28 17.47
C PRO C 9 0.92 2.10 16.37
N GLN C 10 2.05 1.60 15.85
CA GLN C 10 2.82 2.25 14.78
C GLN C 10 2.56 1.58 13.43
N LEU C 11 2.64 2.36 12.34
CA LEU C 11 2.40 1.86 10.99
C LEU C 11 3.51 0.90 10.53
N THR C 12 3.13 -0.16 9.79
CA THR C 12 4.04 -1.18 9.27
C THR C 12 5.03 -0.62 8.25
N PRO C 13 6.32 -0.97 8.35
CA PRO C 13 7.29 -0.46 7.39
C PRO C 13 7.22 -1.20 6.06
N LYS D 1 13.91 -16.10 -3.30
CA LYS D 1 13.78 -15.07 -4.32
C LYS D 1 15.14 -14.51 -4.76
N THR D 2 16.04 -14.23 -3.78
CA THR D 2 17.40 -13.68 -3.99
C THR D 2 17.30 -12.34 -4.84
N ILE D 3 18.22 -12.06 -5.78
CA ILE D 3 18.14 -10.90 -6.65
C ILE D 3 17.18 -11.31 -7.78
N VAL D 4 16.13 -10.53 -8.00
CA VAL D 4 15.10 -10.83 -9.01
C VAL D 4 15.39 -10.18 -10.36
N PRO D 5 14.94 -10.78 -11.49
CA PRO D 5 15.20 -10.17 -12.80
C PRO D 5 14.31 -8.94 -13.01
N ALA D 6 14.93 -7.83 -13.37
CA ALA D 6 14.24 -6.55 -13.60
C ALA D 6 13.32 -6.53 -14.81
N LEU D 8 10.24 -3.63 -16.81
CA LEU D 8 9.76 -2.25 -16.85
C LEU D 8 8.30 -2.08 -17.28
N PRO D 9 7.53 -1.19 -16.64
CA PRO D 9 7.92 -0.30 -15.54
C PRO D 9 8.18 -1.01 -14.21
N GLN D 10 8.95 -0.38 -13.33
CA GLN D 10 9.27 -0.89 -12.00
C GLN D 10 8.34 -0.26 -10.95
N LEU D 11 8.03 -0.99 -9.87
CA LEU D 11 7.14 -0.53 -8.81
C LEU D 11 7.78 0.61 -8.01
N THR D 12 6.98 1.59 -7.59
CA THR D 12 7.43 2.72 -6.79
C THR D 12 7.89 2.18 -5.43
N PRO D 13 9.16 2.42 -5.05
CA PRO D 13 9.67 1.85 -3.79
C PRO D 13 8.97 2.29 -2.51
#